data_7L9A
#
_entry.id   7L9A
#
_cell.length_a   56.470
_cell.length_b   56.470
_cell.length_c   191.901
_cell.angle_alpha   90.000
_cell.angle_beta   90.000
_cell.angle_gamma   120.000
#
_symmetry.space_group_name_H-M   'P 32 2 1'
#
loop_
_entity.id
_entity.type
_entity.pdbx_description
1 polymer 'Bromodomain testis-specific protein'
2 non-polymer N~1~-(5-{[3-(4-amino-2-methylphenyl)-1-methyl-1H-indazole-5-carbonyl]amino}-2-methylphenyl)-N~4~-methylbenzene-1,4-dicarboxamide
3 non-polymer BETA-MERCAPTOETHANOL
4 water water
#
_entity_poly.entity_id   1
_entity_poly.type   'polypeptide(L)'
_entity_poly.pdbx_seq_one_letter_code
;MGSSHHHHHHSSGLVPRGSHMASVTEQLRHCSEILKEMLAKKHFSYAWPFYNPVDVNALGLHNYYDVVKNPMDLGTIKEK
MDNQEYKDAYKFAADVRLMFMNCYKYNPPDHEVVTMARMLQDVFETHFSKIPIEP
;
_entity_poly.pdbx_strand_id   A,B
#
# COMPACT_ATOMS: atom_id res chain seq x y z
N GLY A 18 -23.61 13.37 -7.14
CA GLY A 18 -23.77 14.73 -7.61
C GLY A 18 -22.76 15.67 -6.97
N SER A 19 -23.03 16.02 -5.71
CA SER A 19 -22.01 16.65 -4.88
C SER A 19 -20.79 15.74 -4.74
N HIS A 20 -21.03 14.47 -4.42
CA HIS A 20 -19.92 13.54 -4.21
C HIS A 20 -19.09 13.40 -5.47
N MET A 21 -19.73 13.40 -6.64
CA MET A 21 -18.99 13.21 -7.88
C MET A 21 -18.10 14.42 -8.17
N ALA A 22 -18.58 15.62 -7.86
CA ALA A 22 -17.78 16.82 -8.06
C ALA A 22 -16.47 16.74 -7.28
N SER A 23 -16.52 16.17 -6.07
CA SER A 23 -15.31 16.05 -5.26
C SER A 23 -14.37 14.99 -5.81
N VAL A 24 -14.92 13.85 -6.27
CA VAL A 24 -14.08 12.79 -6.81
C VAL A 24 -13.37 13.25 -8.07
N THR A 25 -14.08 13.92 -8.99
CA THR A 25 -13.44 14.42 -10.20
C THR A 25 -12.39 15.49 -9.89
N GLU A 26 -12.61 16.29 -8.85
CA GLU A 26 -11.63 17.32 -8.52
C GLU A 26 -10.35 16.72 -7.94
N GLN A 27 -10.45 15.57 -7.27
CA GLN A 27 -9.23 14.88 -6.83
C GLN A 27 -8.43 14.38 -8.03
N LEU A 28 -9.13 13.83 -9.04
CA LEU A 28 -8.44 13.38 -10.24
C LEU A 28 -7.80 14.53 -10.98
N ARG A 29 -8.33 15.75 -10.82
CA ARG A 29 -7.66 16.93 -11.35
C ARG A 29 -6.34 17.18 -10.62
N HIS A 30 -6.34 17.04 -9.30
CA HIS A 30 -5.08 17.11 -8.55
C HIS A 30 -4.11 16.02 -9.01
N CYS A 31 -4.64 14.84 -9.36
CA CYS A 31 -3.78 13.77 -9.87
C CYS A 31 -3.15 14.16 -11.20
N SER A 32 -3.90 14.90 -12.03
CA SER A 32 -3.35 15.47 -13.26
C SER A 32 -2.19 16.41 -12.96
N GLU A 33 -2.34 17.27 -11.95
CA GLU A 33 -1.25 18.18 -11.56
C GLU A 33 -0.04 17.39 -11.10
N ILE A 34 -0.27 16.33 -10.33
CA ILE A 34 0.84 15.49 -9.86
C ILE A 34 1.54 14.84 -11.05
N LEU A 35 0.76 14.31 -12.00
CA LEU A 35 1.35 13.68 -13.17
C LEU A 35 2.21 14.66 -13.95
N LYS A 36 1.69 15.86 -14.19
CA LYS A 36 2.48 16.88 -14.88
C LYS A 36 3.74 17.25 -14.10
N GLU A 37 3.67 17.21 -12.77
CA GLU A 37 4.87 17.47 -11.98
C GLU A 37 5.93 16.40 -12.24
N MET A 38 5.53 15.13 -12.24
CA MET A 38 6.48 14.06 -12.51
C MET A 38 7.01 14.09 -13.94
N LEU A 39 6.31 14.74 -14.86
CA LEU A 39 6.79 14.88 -16.23
C LEU A 39 7.53 16.18 -16.47
N ALA A 40 7.79 16.95 -15.42
CA ALA A 40 8.43 18.25 -15.57
C ALA A 40 9.94 18.08 -15.74
N LYS A 41 10.55 19.06 -16.39
CA LYS A 41 11.98 18.97 -16.69
C LYS A 41 12.84 18.93 -15.42
N LYS A 42 12.29 19.36 -14.29
CA LYS A 42 13.05 19.35 -13.04
C LYS A 42 13.37 17.95 -12.55
N HIS A 43 12.58 16.95 -12.95
CA HIS A 43 12.74 15.57 -12.50
C HIS A 43 13.28 14.66 -13.59
N PHE A 44 13.65 15.22 -14.75
CA PHE A 44 14.00 14.39 -15.91
C PHE A 44 15.13 13.42 -15.60
N SER A 45 16.10 13.82 -14.78
CA SER A 45 17.28 12.99 -14.60
C SER A 45 16.95 11.66 -13.93
N TYR A 46 15.88 11.59 -13.14
CA TYR A 46 15.46 10.33 -12.57
C TYR A 46 14.09 9.85 -13.05
N ALA A 47 13.32 10.69 -13.74
CA ALA A 47 12.01 10.29 -14.24
C ALA A 47 12.04 9.65 -15.62
N TRP A 48 13.06 9.93 -16.43
CA TRP A 48 13.02 9.51 -17.82
C TRP A 48 12.85 8.00 -18.06
N PRO A 49 13.38 7.08 -17.23
CA PRO A 49 13.11 5.66 -17.49
C PRO A 49 11.63 5.28 -17.41
N PHE A 50 10.78 6.16 -16.86
CA PHE A 50 9.37 5.85 -16.67
C PHE A 50 8.45 6.62 -17.60
N TYR A 51 9.01 7.38 -18.55
CA TYR A 51 8.17 8.15 -19.48
C TYR A 51 7.34 7.23 -20.37
N ASN A 52 7.95 6.15 -20.85
CA ASN A 52 7.38 5.26 -21.85
C ASN A 52 7.48 3.83 -21.36
N PRO A 53 6.78 2.89 -22.00
CA PRO A 53 6.97 1.48 -21.67
C PRO A 53 8.44 1.10 -21.75
N VAL A 54 8.87 0.23 -20.83
CA VAL A 54 10.24 -0.23 -20.84
C VAL A 54 10.55 -0.85 -22.19
N ASP A 55 11.64 -0.41 -22.81
CA ASP A 55 12.06 -0.94 -24.11
C ASP A 55 12.86 -2.23 -23.87
N VAL A 56 12.12 -3.31 -23.59
CA VAL A 56 12.75 -4.58 -23.24
C VAL A 56 13.77 -4.99 -24.30
N ASN A 57 13.40 -4.88 -25.57
CA ASN A 57 14.31 -5.31 -26.64
C ASN A 57 15.55 -4.42 -26.72
N ALA A 58 15.39 -3.11 -26.51
CA ALA A 58 16.54 -2.23 -26.67
C ALA A 58 17.50 -2.36 -25.50
N LEU A 59 17.01 -2.76 -24.33
CA LEU A 59 17.88 -2.92 -23.18
C LEU A 59 18.27 -4.36 -22.93
N GLY A 60 17.85 -5.29 -23.79
CA GLY A 60 18.23 -6.68 -23.62
C GLY A 60 17.82 -7.26 -22.29
N LEU A 61 16.60 -6.99 -21.85
CA LEU A 61 16.12 -7.42 -20.54
C LEU A 61 15.57 -8.84 -20.64
N HIS A 62 16.17 -9.77 -19.89
CA HIS A 62 15.71 -11.15 -19.90
C HIS A 62 14.46 -11.33 -19.06
N ASN A 63 13.51 -12.09 -19.60
CA ASN A 63 12.34 -12.58 -18.87
C ASN A 63 11.48 -11.46 -18.26
N TYR A 64 11.53 -10.24 -18.80
CA TYR A 64 10.80 -9.14 -18.19
C TYR A 64 9.32 -9.48 -18.02
N TYR A 65 8.68 -9.97 -19.07
CA TYR A 65 7.26 -10.25 -19.04
C TYR A 65 6.90 -11.57 -18.34
N ASP A 66 7.84 -12.18 -17.62
CA ASP A 66 7.47 -13.24 -16.69
C ASP A 66 7.65 -12.81 -15.25
N VAL A 67 8.32 -11.70 -15.01
CA VAL A 67 8.39 -11.12 -13.68
C VAL A 67 7.32 -10.06 -13.49
N VAL A 68 7.20 -9.18 -14.48
CA VAL A 68 6.30 -8.04 -14.45
C VAL A 68 5.12 -8.40 -15.32
N LYS A 69 4.02 -8.83 -14.70
CA LYS A 69 2.87 -9.25 -15.47
C LYS A 69 1.93 -8.10 -15.83
N ASN A 70 1.95 -7.00 -15.06
CA ASN A 70 1.13 -5.81 -15.34
C ASN A 70 2.04 -4.61 -15.54
N PRO A 71 2.61 -4.45 -16.74
CA PRO A 71 3.48 -3.31 -16.98
C PRO A 71 2.72 -1.99 -16.92
N MET A 72 3.42 -0.96 -16.47
CA MET A 72 2.81 0.35 -16.33
C MET A 72 3.90 1.40 -16.41
N ASP A 73 3.56 2.54 -17.00
CA ASP A 73 4.50 3.63 -17.18
C ASP A 73 3.71 4.93 -17.18
N LEU A 74 4.43 6.04 -17.12
CA LEU A 74 3.78 7.34 -17.03
C LEU A 74 3.00 7.66 -18.30
N GLY A 75 3.49 7.23 -19.46
CA GLY A 75 2.76 7.47 -20.69
C GLY A 75 1.41 6.80 -20.74
N THR A 76 1.32 5.56 -20.29
CA THR A 76 0.04 4.86 -20.26
C THR A 76 -0.91 5.51 -19.27
N ILE A 77 -0.36 5.97 -18.14
CA ILE A 77 -1.15 6.67 -17.13
C ILE A 77 -1.72 7.96 -17.70
N LYS A 78 -0.92 8.71 -18.47
CA LYS A 78 -1.38 9.94 -19.08
C LYS A 78 -2.43 9.68 -20.15
N GLU A 79 -2.34 8.54 -20.83
CA GLU A 79 -3.38 8.17 -21.79
C GLU A 79 -4.66 7.76 -21.08
N LYS A 80 -4.53 7.01 -19.97
CA LYS A 80 -5.71 6.68 -19.17
C LYS A 80 -6.35 7.93 -18.59
N MET A 81 -5.53 8.88 -18.11
CA MET A 81 -6.06 10.15 -17.62
C MET A 81 -6.83 10.86 -18.72
N ASP A 82 -6.28 10.87 -19.94
CA ASP A 82 -6.86 11.63 -21.03
C ASP A 82 -8.15 11.01 -21.51
N ASN A 83 -8.22 9.69 -21.51
CA ASN A 83 -9.46 8.98 -21.78
C ASN A 83 -10.42 9.01 -20.61
N GLN A 84 -10.07 9.67 -19.50
CA GLN A 84 -10.92 9.76 -18.32
C GLN A 84 -11.28 8.35 -17.83
N GLU A 85 -10.26 7.51 -17.72
CA GLU A 85 -10.39 6.10 -17.41
C GLU A 85 -10.33 5.78 -15.93
N TYR A 86 -9.87 6.72 -15.09
CA TYR A 86 -9.77 6.49 -13.66
C TYR A 86 -11.07 6.91 -12.98
N LYS A 87 -11.68 5.97 -12.26
CA LYS A 87 -12.93 6.26 -11.57
C LYS A 87 -12.68 7.16 -10.36
N ASP A 88 -11.48 7.12 -9.77
CA ASP A 88 -11.15 7.98 -8.64
C ASP A 88 -9.64 8.04 -8.50
N ALA A 89 -9.19 8.79 -7.49
CA ALA A 89 -7.77 9.05 -7.32
C ALA A 89 -7.05 7.84 -6.73
N TYR A 90 -7.75 6.99 -5.98
CA TYR A 90 -7.13 5.79 -5.42
C TYR A 90 -6.65 4.85 -6.53
N LYS A 91 -7.42 4.72 -7.60
CA LYS A 91 -7.01 3.85 -8.70
C LYS A 91 -5.92 4.48 -9.54
N PHE A 92 -5.92 5.81 -9.64
CA PHE A 92 -4.78 6.50 -10.23
C PHE A 92 -3.52 6.19 -9.44
N ALA A 93 -3.60 6.29 -8.11
CA ALA A 93 -2.44 6.03 -7.27
C ALA A 93 -1.97 4.59 -7.42
N ALA A 94 -2.90 3.64 -7.54
CA ALA A 94 -2.51 2.25 -7.66
C ALA A 94 -1.63 2.02 -8.88
N ASP A 95 -1.98 2.64 -10.00
CA ASP A 95 -1.19 2.49 -11.23
C ASP A 95 0.20 3.10 -11.08
N VAL A 96 0.29 4.32 -10.53
CA VAL A 96 1.61 4.91 -10.28
C VAL A 96 2.43 3.98 -9.40
N ARG A 97 1.80 3.44 -8.35
CA ARG A 97 2.52 2.58 -7.43
C ARG A 97 2.80 1.22 -8.03
N LEU A 98 1.92 0.72 -8.91
CA LEU A 98 2.25 -0.48 -9.68
C LEU A 98 3.49 -0.25 -10.53
N MET A 99 3.57 0.91 -11.21
CA MET A 99 4.72 1.20 -12.06
C MET A 99 6.02 1.18 -11.27
N PHE A 100 6.02 1.78 -10.09
CA PHE A 100 7.23 1.76 -9.27
C PHE A 100 7.51 0.36 -8.75
N MET A 101 6.48 -0.37 -8.34
CA MET A 101 6.68 -1.70 -7.78
C MET A 101 7.21 -2.67 -8.84
N ASN A 102 6.78 -2.52 -10.09
CA ASN A 102 7.34 -3.30 -11.20
C ASN A 102 8.85 -3.11 -11.28
N CYS A 103 9.31 -1.91 -10.98
CA CYS A 103 10.72 -1.60 -11.11
C CYS A 103 11.50 -2.15 -9.92
N TYR A 104 10.89 -2.15 -8.73
CA TYR A 104 11.51 -2.80 -7.57
C TYR A 104 11.51 -4.31 -7.72
N LYS A 105 10.53 -4.87 -8.43
CA LYS A 105 10.49 -6.32 -8.59
C LYS A 105 11.55 -6.79 -9.56
N TYR A 106 11.74 -6.06 -10.65
CA TYR A 106 12.58 -6.59 -11.71
C TYR A 106 14.06 -6.29 -11.52
N ASN A 107 14.42 -5.15 -10.92
CA ASN A 107 15.81 -4.74 -10.99
C ASN A 107 16.54 -4.99 -9.68
N PRO A 108 17.86 -5.14 -9.72
CA PRO A 108 18.61 -5.38 -8.49
C PRO A 108 18.42 -4.23 -7.53
N PRO A 109 18.41 -4.51 -6.22
CA PRO A 109 18.02 -3.47 -5.24
C PRO A 109 18.92 -2.25 -5.23
N ASP A 110 20.15 -2.37 -5.72
CA ASP A 110 21.03 -1.20 -5.79
C ASP A 110 21.21 -0.73 -7.23
N HIS A 111 20.34 -1.17 -8.13
CA HIS A 111 20.40 -0.68 -9.48
C HIS A 111 20.00 0.79 -9.53
N GLU A 112 20.54 1.42 -10.55
CA GLU A 112 20.55 2.86 -10.66
C GLU A 112 19.12 3.37 -10.90
N VAL A 113 18.33 2.58 -11.62
CA VAL A 113 16.91 2.85 -11.88
C VAL A 113 16.04 2.56 -10.66
N VAL A 114 16.51 1.74 -9.72
CA VAL A 114 15.78 1.62 -8.46
C VAL A 114 15.94 2.90 -7.66
N THR A 115 17.16 3.45 -7.62
CA THR A 115 17.38 4.75 -7.03
C THR A 115 16.50 5.81 -7.69
N MET A 116 16.39 5.76 -9.02
CA MET A 116 15.55 6.71 -9.73
C MET A 116 14.07 6.51 -9.41
N ALA A 117 13.64 5.26 -9.32
CA ALA A 117 12.25 4.99 -8.97
C ALA A 117 11.91 5.56 -7.60
N ARG A 118 12.80 5.37 -6.63
CA ARG A 118 12.53 5.85 -5.27
C ARG A 118 12.56 7.37 -5.18
N MET A 119 13.37 8.03 -6.01
CA MET A 119 13.39 9.48 -6.05
C MET A 119 12.11 10.03 -6.67
N LEU A 120 11.70 9.48 -7.81
CA LEU A 120 10.46 9.92 -8.42
C LEU A 120 9.27 9.55 -7.54
N GLN A 121 9.33 8.39 -6.88
CA GLN A 121 8.22 8.00 -6.01
C GLN A 121 8.09 8.93 -4.82
N ASP A 122 9.21 9.45 -4.30
CA ASP A 122 9.12 10.44 -3.24
C ASP A 122 8.36 11.68 -3.69
N VAL A 123 8.54 12.07 -4.96
CA VAL A 123 7.78 13.20 -5.51
C VAL A 123 6.29 12.86 -5.53
N PHE A 124 5.95 11.68 -6.04
CA PHE A 124 4.55 11.31 -6.14
C PHE A 124 3.90 11.19 -4.76
N GLU A 125 4.55 10.46 -3.84
CA GLU A 125 3.95 10.21 -2.54
C GLU A 125 3.76 11.49 -1.75
N THR A 126 4.72 12.42 -1.84
CA THR A 126 4.61 13.64 -1.05
C THR A 126 3.47 14.52 -1.56
N HIS A 127 3.27 14.55 -2.87
CA HIS A 127 2.17 15.33 -3.45
C HIS A 127 0.83 14.63 -3.27
N PHE A 128 0.77 13.31 -3.51
CA PHE A 128 -0.49 12.60 -3.41
C PHE A 128 -1.06 12.67 -2.01
N SER A 129 -0.19 12.62 -0.99
CA SER A 129 -0.66 12.56 0.39
C SER A 129 -1.42 13.81 0.79
N LYS A 130 -1.30 14.89 0.02
CA LYS A 130 -1.85 16.18 0.37
C LYS A 130 -3.09 16.54 -0.44
N ILE A 131 -3.63 15.60 -1.21
CA ILE A 131 -4.90 15.90 -1.89
C ILE A 131 -6.01 15.93 -0.84
N PRO A 132 -6.81 16.99 -0.79
CA PRO A 132 -7.86 17.07 0.24
C PRO A 132 -9.06 16.17 -0.06
N ILE A 133 -9.74 15.80 1.02
CA ILE A 133 -10.88 14.90 0.94
C ILE A 133 -11.98 15.47 0.04
N GLU A 134 -12.29 16.77 0.17
CA GLU A 134 -13.29 17.41 -0.68
C GLU A 134 -12.65 18.65 -1.30
N PRO A 135 -12.13 18.46 -2.50
CA PRO A 135 -11.49 19.46 -3.35
C PRO A 135 -10.75 18.66 -4.41
N MET B 21 -22.02 0.89 22.06
CA MET B 21 -23.41 0.76 22.49
C MET B 21 -23.49 0.43 23.98
N ALA B 22 -22.42 -0.19 24.50
CA ALA B 22 -22.40 -0.58 25.91
C ALA B 22 -20.94 -0.62 26.38
N SER B 23 -20.48 0.52 26.91
CA SER B 23 -19.20 0.68 27.58
C SER B 23 -17.96 0.50 26.69
N VAL B 24 -17.04 1.47 26.76
CA VAL B 24 -15.78 1.39 26.03
C VAL B 24 -14.95 0.21 26.53
N THR B 25 -14.93 -0.01 27.85
CA THR B 25 -14.20 -1.14 28.41
C THR B 25 -14.75 -2.46 27.87
N GLU B 26 -16.08 -2.54 27.69
CA GLU B 26 -16.66 -3.75 27.10
C GLU B 26 -16.32 -3.87 25.62
N GLN B 27 -16.20 -2.74 24.93
CA GLN B 27 -15.87 -2.79 23.51
C GLN B 27 -14.46 -3.31 23.28
N LEU B 28 -13.50 -2.86 24.10
CA LEU B 28 -12.14 -3.35 23.98
C LEU B 28 -12.03 -4.82 24.36
N ARG B 29 -12.93 -5.32 25.21
CA ARG B 29 -12.97 -6.76 25.46
C ARG B 29 -13.41 -7.51 24.20
N HIS B 30 -14.31 -6.91 23.41
CA HIS B 30 -14.72 -7.53 22.16
C HIS B 30 -13.58 -7.50 21.15
N CYS B 31 -12.81 -6.41 21.12
CA CYS B 31 -11.65 -6.35 20.26
C CYS B 31 -10.61 -7.38 20.68
N SER B 32 -10.52 -7.64 21.98
CA SER B 32 -9.66 -8.71 22.48
C SER B 32 -10.06 -10.05 21.88
N GLU B 33 -11.37 -10.34 21.82
CA GLU B 33 -11.82 -11.58 21.20
C GLU B 33 -11.47 -11.63 19.72
N ILE B 34 -11.57 -10.50 19.01
CA ILE B 34 -11.21 -10.48 17.60
C ILE B 34 -9.74 -10.84 17.42
N LEU B 35 -8.87 -10.25 18.25
CA LEU B 35 -7.45 -10.54 18.19
C LEU B 35 -7.18 -12.01 18.47
N LYS B 36 -7.84 -12.57 19.51
CA LYS B 36 -7.69 -14.00 19.79
C LYS B 36 -8.19 -14.85 18.62
N GLU B 37 -9.19 -14.36 17.89
CA GLU B 37 -9.66 -15.10 16.73
C GLU B 37 -8.60 -15.13 15.63
N MET B 38 -8.00 -13.98 15.33
CA MET B 38 -6.97 -13.91 14.30
C MET B 38 -5.73 -14.70 14.68
N LEU B 39 -5.52 -14.97 15.97
CA LEU B 39 -4.41 -15.79 16.42
C LEU B 39 -4.78 -17.26 16.58
N ALA B 40 -5.97 -17.65 16.12
CA ALA B 40 -6.42 -19.02 16.29
C ALA B 40 -5.80 -19.94 15.23
N LYS B 41 -5.77 -21.22 15.57
CA LYS B 41 -5.14 -22.24 14.73
C LYS B 41 -5.74 -22.28 13.33
N LYS B 42 -7.06 -22.08 13.22
CA LYS B 42 -7.71 -22.25 11.92
C LYS B 42 -7.30 -21.21 10.91
N HIS B 43 -6.71 -20.10 11.34
CA HIS B 43 -6.20 -19.09 10.41
C HIS B 43 -4.68 -19.09 10.33
N PHE B 44 -4.02 -20.04 11.01
CA PHE B 44 -2.55 -20.02 11.13
C PHE B 44 -1.88 -20.03 9.76
N SER B 45 -2.45 -20.76 8.80
CA SER B 45 -1.80 -20.94 7.50
C SER B 45 -1.66 -19.63 6.72
N TYR B 46 -2.57 -18.67 6.93
CA TYR B 46 -2.40 -17.36 6.29
C TYR B 46 -2.14 -16.23 7.28
N ALA B 47 -2.30 -16.47 8.59
CA ALA B 47 -2.04 -15.45 9.59
C ALA B 47 -0.58 -15.41 10.03
N TRP B 48 0.15 -16.52 9.87
CA TRP B 48 1.48 -16.62 10.46
C TRP B 48 2.45 -15.50 10.07
N PRO B 49 2.43 -14.92 8.86
CA PRO B 49 3.34 -13.79 8.58
C PRO B 49 3.08 -12.54 9.43
N PHE B 50 1.96 -12.45 10.13
CA PHE B 50 1.61 -11.24 10.88
C PHE B 50 1.72 -11.42 12.39
N TYR B 51 2.20 -12.59 12.83
CA TYR B 51 2.30 -12.86 14.26
C TYR B 51 3.33 -11.95 14.92
N ASN B 52 4.47 -11.76 14.28
CA ASN B 52 5.65 -11.11 14.84
C ASN B 52 6.15 -10.06 13.87
N PRO B 53 7.05 -9.18 14.33
CA PRO B 53 7.68 -8.22 13.40
C PRO B 53 8.28 -8.93 12.20
N VAL B 54 8.16 -8.28 11.03
CA VAL B 54 8.71 -8.84 9.81
C VAL B 54 10.21 -9.09 9.99
N ASP B 55 10.65 -10.30 9.65
CA ASP B 55 12.06 -10.66 9.76
C ASP B 55 12.80 -10.10 8.54
N VAL B 56 12.96 -8.77 8.54
CA VAL B 56 13.52 -8.08 7.40
C VAL B 56 14.91 -8.60 7.07
N ASN B 57 15.75 -8.79 8.08
CA ASN B 57 17.12 -9.25 7.84
C ASN B 57 17.15 -10.63 7.21
N ALA B 58 16.26 -11.53 7.65
CA ALA B 58 16.23 -12.90 7.14
C ALA B 58 15.50 -13.04 5.81
N LEU B 59 14.60 -12.12 5.48
CA LEU B 59 13.86 -12.19 4.23
C LEU B 59 14.48 -11.32 3.15
N GLY B 60 15.60 -10.67 3.44
CA GLY B 60 16.29 -9.84 2.47
C GLY B 60 15.44 -8.72 1.91
N LEU B 61 14.63 -8.09 2.76
CA LEU B 61 13.71 -7.05 2.32
C LEU B 61 14.43 -5.71 2.36
N HIS B 62 14.77 -5.19 1.19
CA HIS B 62 15.53 -3.96 1.09
C HIS B 62 14.61 -2.77 1.31
N ASN B 63 15.11 -1.79 2.06
CA ASN B 63 14.42 -0.54 2.31
C ASN B 63 13.12 -0.73 3.06
N TYR B 64 12.95 -1.86 3.75
CA TYR B 64 11.69 -2.09 4.45
C TYR B 64 11.43 -0.99 5.46
N TYR B 65 12.38 -0.75 6.36
CA TYR B 65 12.19 0.24 7.40
C TYR B 65 12.40 1.63 6.85
N ASP B 66 12.40 1.73 5.52
CA ASP B 66 12.42 3.03 4.91
C ASP B 66 11.15 3.28 4.10
N VAL B 67 10.34 2.23 3.86
CA VAL B 67 8.98 2.34 3.33
C VAL B 67 7.95 2.30 4.44
N VAL B 68 8.12 1.39 5.39
CA VAL B 68 7.15 1.16 6.45
C VAL B 68 7.65 1.94 7.64
N LYS B 69 7.17 3.18 7.77
CA LYS B 69 7.60 4.05 8.85
C LYS B 69 6.96 3.68 10.18
N ASN B 70 5.84 2.95 10.16
CA ASN B 70 5.16 2.50 11.38
C ASN B 70 4.85 1.01 11.25
N PRO B 71 5.83 0.15 11.51
CA PRO B 71 5.57 -1.30 11.46
C PRO B 71 4.58 -1.70 12.54
N MET B 72 3.80 -2.74 12.24
CA MET B 72 2.82 -3.22 13.20
C MET B 72 2.55 -4.70 12.94
N ASP B 73 2.32 -5.45 14.02
CA ASP B 73 2.09 -6.88 13.93
C ASP B 73 1.16 -7.29 15.04
N LEU B 74 0.66 -8.53 14.94
CA LEU B 74 -0.32 -9.02 15.90
C LEU B 74 0.26 -9.12 17.31
N GLY B 75 1.54 -9.47 17.42
CA GLY B 75 2.17 -9.50 18.73
C GLY B 75 2.23 -8.13 19.37
N THR B 76 2.57 -7.10 18.59
CA THR B 76 2.60 -5.74 19.12
C THR B 76 1.20 -5.25 19.50
N ILE B 77 0.18 -5.59 18.70
CA ILE B 77 -1.18 -5.23 19.07
C ILE B 77 -1.58 -5.91 20.37
N LYS B 78 -1.23 -7.19 20.50
CA LYS B 78 -1.55 -7.94 21.72
C LYS B 78 -0.89 -7.31 22.93
N GLU B 79 0.38 -6.90 22.81
CA GLU B 79 1.06 -6.27 23.93
C GLU B 79 0.41 -4.93 24.29
N LYS B 80 0.03 -4.16 23.28
CA LYS B 80 -0.66 -2.90 23.55
C LYS B 80 -2.00 -3.15 24.24
N MET B 81 -2.73 -4.18 23.81
CA MET B 81 -3.98 -4.52 24.45
C MET B 81 -3.78 -4.87 25.92
N ASP B 82 -2.79 -5.70 26.22
CA ASP B 82 -2.62 -6.16 27.60
C ASP B 82 -2.00 -5.07 28.48
N ASN B 83 -1.18 -4.19 27.90
CA ASN B 83 -0.69 -3.03 28.62
C ASN B 83 -1.73 -1.92 28.70
N GLN B 84 -2.96 -2.18 28.20
CA GLN B 84 -4.08 -1.25 28.28
C GLN B 84 -3.77 0.07 27.60
N GLU B 85 -3.15 -0.01 26.42
CA GLU B 85 -2.72 1.17 25.69
C GLU B 85 -3.74 1.64 24.65
N TYR B 86 -4.78 0.86 24.38
CA TYR B 86 -5.81 1.27 23.43
C TYR B 86 -6.90 2.02 24.19
N LYS B 87 -7.12 3.28 23.82
CA LYS B 87 -8.14 4.07 24.49
C LYS B 87 -9.55 3.65 24.06
N ASP B 88 -9.70 3.11 22.86
CA ASP B 88 -11.00 2.70 22.36
C ASP B 88 -10.80 1.75 21.18
N ALA B 89 -11.91 1.28 20.63
CA ALA B 89 -11.87 0.26 19.59
C ALA B 89 -11.47 0.83 18.24
N TYR B 90 -11.69 2.13 18.00
CA TYR B 90 -11.20 2.73 16.77
C TYR B 90 -9.69 2.64 16.69
N LYS B 91 -9.00 2.93 17.81
CA LYS B 91 -7.55 2.86 17.81
C LYS B 91 -7.05 1.44 17.58
N PHE B 92 -7.78 0.44 18.09
CA PHE B 92 -7.41 -0.94 17.85
C PHE B 92 -7.51 -1.27 16.35
N ALA B 93 -8.61 -0.88 15.71
CA ALA B 93 -8.77 -1.16 14.29
C ALA B 93 -7.70 -0.45 13.46
N ALA B 94 -7.35 0.78 13.85
CA ALA B 94 -6.35 1.54 13.11
C ALA B 94 -5.03 0.79 13.12
N ASP B 95 -4.64 0.21 14.26
CA ASP B 95 -3.40 -0.57 14.31
C ASP B 95 -3.49 -1.81 13.42
N VAL B 96 -4.62 -2.53 13.50
CA VAL B 96 -4.82 -3.70 12.65
C VAL B 96 -4.74 -3.34 11.17
N ARG B 97 -5.39 -2.24 10.78
CA ARG B 97 -5.38 -1.87 9.37
C ARG B 97 -4.04 -1.29 8.93
N LEU B 98 -3.32 -0.60 9.83
CA LEU B 98 -1.94 -0.23 9.53
C LEU B 98 -1.11 -1.47 9.22
N MET B 99 -1.30 -2.53 9.99
CA MET B 99 -0.56 -3.78 9.76
C MET B 99 -0.81 -4.31 8.35
N PHE B 100 -2.07 -4.32 7.91
CA PHE B 100 -2.37 -4.82 6.56
C PHE B 100 -1.87 -3.88 5.47
N MET B 101 -2.02 -2.57 5.68
CA MET B 101 -1.64 -1.62 4.64
C MET B 101 -0.14 -1.58 4.44
N ASN B 102 0.63 -1.78 5.51
CA ASN B 102 2.06 -1.92 5.39
C ASN B 102 2.44 -3.03 4.40
N CYS B 103 1.68 -4.12 4.42
CA CYS B 103 1.98 -5.27 3.61
C CYS B 103 1.52 -5.06 2.17
N TYR B 104 0.42 -4.34 1.98
CA TYR B 104 -0.05 -3.99 0.64
C TYR B 104 0.90 -3.00 -0.03
N LYS B 105 1.45 -2.06 0.74
CA LYS B 105 2.30 -1.04 0.15
C LYS B 105 3.70 -1.55 -0.14
N TYR B 106 4.24 -2.46 0.68
CA TYR B 106 5.62 -2.87 0.51
C TYR B 106 5.80 -4.01 -0.50
N ASN B 107 4.82 -4.90 -0.63
CA ASN B 107 5.01 -6.13 -1.40
C ASN B 107 4.28 -6.06 -2.74
N PRO B 108 4.74 -6.80 -3.75
CA PRO B 108 4.08 -6.77 -5.05
C PRO B 108 2.65 -7.24 -4.94
N PRO B 109 1.76 -6.71 -5.78
CA PRO B 109 0.32 -7.01 -5.63
C PRO B 109 -0.03 -8.47 -5.83
N ASP B 110 0.83 -9.26 -6.46
CA ASP B 110 0.56 -10.67 -6.68
C ASP B 110 1.42 -11.57 -5.80
N HIS B 111 2.06 -11.01 -4.78
CA HIS B 111 2.82 -11.81 -3.84
C HIS B 111 1.88 -12.59 -2.92
N GLU B 112 2.34 -13.75 -2.47
CA GLU B 112 1.47 -14.65 -1.72
C GLU B 112 1.08 -14.07 -0.37
N VAL B 113 1.96 -13.29 0.26
CA VAL B 113 1.61 -12.73 1.55
C VAL B 113 0.63 -11.58 1.41
N VAL B 114 0.52 -10.97 0.22
CA VAL B 114 -0.55 -9.98 0.01
C VAL B 114 -1.90 -10.69 -0.04
N THR B 115 -1.97 -11.83 -0.75
CA THR B 115 -3.15 -12.67 -0.68
C THR B 115 -3.45 -13.11 0.75
N MET B 116 -2.41 -13.50 1.49
CA MET B 116 -2.61 -13.90 2.88
C MET B 116 -3.10 -12.73 3.72
N ALA B 117 -2.58 -11.53 3.45
CA ALA B 117 -3.04 -10.33 4.16
C ALA B 117 -4.54 -10.11 3.91
N ARG B 118 -5.00 -10.21 2.66
CA ARG B 118 -6.41 -9.96 2.38
C ARG B 118 -7.28 -11.06 2.97
N MET B 119 -6.75 -12.27 3.11
CA MET B 119 -7.51 -13.33 3.77
C MET B 119 -7.70 -13.04 5.25
N LEU B 120 -6.63 -12.63 5.92
CA LEU B 120 -6.74 -12.27 7.32
C LEU B 120 -7.54 -10.99 7.50
N GLN B 121 -7.42 -10.03 6.58
CA GLN B 121 -8.22 -8.82 6.72
C GLN B 121 -9.69 -9.13 6.52
N ASP B 122 -10.02 -10.05 5.62
CA ASP B 122 -11.39 -10.47 5.44
C ASP B 122 -11.96 -11.04 6.73
N VAL B 123 -11.13 -11.79 7.46
CA VAL B 123 -11.51 -12.31 8.77
C VAL B 123 -11.72 -11.17 9.76
N PHE B 124 -10.82 -10.20 9.77
CA PHE B 124 -10.92 -9.09 10.72
C PHE B 124 -12.14 -8.23 10.47
N GLU B 125 -12.33 -7.81 9.21
CA GLU B 125 -13.40 -6.87 8.91
C GLU B 125 -14.77 -7.50 9.18
N THR B 126 -14.92 -8.79 8.92
CA THR B 126 -16.23 -9.41 9.10
C THR B 126 -16.60 -9.47 10.57
N HIS B 127 -15.64 -9.73 11.44
CA HIS B 127 -15.91 -9.73 12.88
C HIS B 127 -16.02 -8.32 13.43
N PHE B 128 -15.10 -7.44 13.03
CA PHE B 128 -15.11 -6.07 13.57
C PHE B 128 -16.38 -5.34 13.19
N SER B 129 -16.93 -5.62 12.00
CA SER B 129 -18.09 -4.90 11.49
C SER B 129 -19.32 -5.05 12.35
N LYS B 130 -19.36 -6.00 13.28
CA LYS B 130 -20.56 -6.21 14.09
C LYS B 130 -20.42 -5.71 15.51
N ILE B 131 -19.25 -5.20 15.88
CA ILE B 131 -19.00 -4.59 17.19
C ILE B 131 -19.35 -3.11 17.25
N PRO B 132 -20.07 -2.64 18.26
CA PRO B 132 -20.24 -1.19 18.42
C PRO B 132 -18.96 -0.58 18.98
N ILE B 133 -18.70 0.67 18.59
CA ILE B 133 -17.50 1.36 19.03
C ILE B 133 -17.88 2.66 19.74
N GLU B 134 -17.36 3.78 19.28
CA GLU B 134 -17.73 5.10 19.84
C GLU B 134 -17.83 5.13 21.37
#